data_1G9S
#
_entry.id   1G9S
#
_cell.length_a   84.140
_cell.length_b   84.140
_cell.length_c   167.270
_cell.angle_alpha   90.00
_cell.angle_beta   90.00
_cell.angle_gamma   120.00
#
_symmetry.space_group_name_H-M   'P 31 2 1'
#
loop_
_entity.id
_entity.type
_entity.pdbx_description
1 polymer 'HYPOXANTHINE PHOSPHORIBOSYLTRANSFERASE'
2 non-polymer 'INOSINIC ACID'
3 non-polymer "ANY 5'-MONOPHOSPHATE NUCLEOTIDE"
4 water water
#
_entity_poly.entity_id   1
_entity_poly.type   'polypeptide(L)'
_entity_poly.pdbx_seq_one_letter_code
;MVRDMKHTVEVMIPEAEIKARIAELGRQITERYKDSGSDMVLVGLLRGSFMFMADLCREVQVSHEVDFMTASSYGSGMST
TRDLKILKDLDEDIRGKDVLIVEDIIDSGNTLSKVREILSLREPKSLAICTLLDKPSRREVNVPVEFIGFSIPDEFVVGY
GIDYAQRYRHLPYIGKVILLDE
;
_entity_poly.pdbx_strand_id   A,B
#
loop_
_chem_comp.id
_chem_comp.type
_chem_comp.name
_chem_comp.formula
IMP non-polymer 'INOSINIC ACID' 'C10 H13 N4 O8 P'
N RNA linking 'ANY 5'-MONOPHOSPHATE NUCLEOTIDE' 'C5 H11 O7 P'
#
# COMPACT_ATOMS: atom_id res chain seq x y z
N MET A 5 14.37 18.45 -18.07
CA MET A 5 13.23 17.65 -17.55
C MET A 5 12.80 16.64 -18.62
N LYS A 6 13.31 16.83 -19.84
CA LYS A 6 13.01 15.91 -20.93
C LYS A 6 13.74 14.64 -20.47
N HIS A 7 13.12 13.47 -20.61
CA HIS A 7 13.79 12.26 -20.13
C HIS A 7 13.28 10.94 -20.68
N THR A 8 13.99 9.87 -20.33
CA THR A 8 13.65 8.52 -20.74
C THR A 8 13.71 7.64 -19.49
N VAL A 9 13.01 6.52 -19.53
CA VAL A 9 13.05 5.61 -18.40
C VAL A 9 13.48 4.27 -18.91
N GLU A 10 14.53 3.71 -18.31
CA GLU A 10 15.03 2.41 -18.69
C GLU A 10 14.86 1.47 -17.53
N VAL A 11 14.69 0.19 -17.83
CA VAL A 11 14.54 -0.81 -16.80
C VAL A 11 15.86 -0.96 -16.08
N MET A 12 15.81 -1.08 -14.76
CA MET A 12 17.03 -1.25 -13.98
C MET A 12 16.95 -2.61 -13.31
N ILE A 13 15.77 -2.93 -12.80
CA ILE A 13 15.53 -4.20 -12.15
C ILE A 13 14.17 -4.67 -12.66
N PRO A 14 14.15 -5.73 -13.48
CA PRO A 14 12.92 -6.28 -14.03
C PRO A 14 12.00 -6.81 -12.94
N GLU A 15 10.70 -6.72 -13.21
CA GLU A 15 9.68 -7.18 -12.29
C GLU A 15 9.91 -8.59 -11.71
N ALA A 16 10.33 -9.54 -12.54
CA ALA A 16 10.54 -10.91 -12.07
C ALA A 16 11.69 -10.97 -11.07
N GLU A 17 12.70 -10.17 -11.32
CA GLU A 17 13.87 -10.13 -10.46
C GLU A 17 13.43 -9.64 -9.08
N ILE A 18 12.58 -8.60 -9.04
CA ILE A 18 12.06 -8.05 -7.79
C ILE A 18 11.22 -9.09 -7.08
N LYS A 19 10.32 -9.71 -7.83
CA LYS A 19 9.44 -10.73 -7.27
C LYS A 19 10.23 -11.83 -6.57
N ALA A 20 11.31 -12.26 -7.20
CA ALA A 20 12.14 -13.32 -6.64
C ALA A 20 12.85 -12.83 -5.38
N ARG A 21 13.45 -11.65 -5.47
CA ARG A 21 14.17 -11.07 -4.34
C ARG A 21 13.25 -10.91 -3.14
N ILE A 22 12.00 -10.52 -3.39
CA ILE A 22 11.08 -10.35 -2.28
C ILE A 22 10.74 -11.68 -1.63
N ALA A 23 10.57 -12.73 -2.43
CA ALA A 23 10.28 -14.05 -1.88
C ALA A 23 11.39 -14.46 -0.90
N GLU A 24 12.64 -14.18 -1.30
CA GLU A 24 13.79 -14.48 -0.47
C GLU A 24 13.68 -13.65 0.80
N LEU A 25 13.57 -12.32 0.65
CA LEU A 25 13.42 -11.45 1.81
C LEU A 25 12.35 -12.02 2.74
N GLY A 26 11.28 -12.51 2.14
CA GLY A 26 10.20 -13.08 2.92
C GLY A 26 10.66 -14.24 3.77
N ARG A 27 11.39 -15.18 3.16
CA ARG A 27 11.90 -16.35 3.88
C ARG A 27 12.78 -15.91 5.04
N GLN A 28 13.71 -15.01 4.74
CA GLN A 28 14.64 -14.48 5.74
C GLN A 28 13.96 -13.82 6.91
N ILE A 29 13.03 -12.92 6.62
CA ILE A 29 12.32 -12.23 7.69
C ILE A 29 11.50 -13.24 8.48
N THR A 30 10.90 -14.21 7.78
CA THR A 30 10.11 -15.23 8.45
C THR A 30 10.98 -16.03 9.42
N GLU A 31 12.10 -16.53 8.92
CA GLU A 31 13.03 -17.30 9.73
C GLU A 31 13.42 -16.54 10.98
N ARG A 32 13.73 -15.25 10.81
CA ARG A 32 14.12 -14.40 11.92
C ARG A 32 13.08 -14.22 13.01
N TYR A 33 11.82 -14.03 12.64
CA TYR A 33 10.77 -13.80 13.65
C TYR A 33 9.84 -14.95 13.97
N LYS A 34 9.99 -16.09 13.31
CA LYS A 34 9.07 -17.20 13.57
C LYS A 34 8.97 -17.69 15.02
N ASP A 35 10.06 -17.60 15.78
CA ASP A 35 10.01 -18.08 17.15
C ASP A 35 9.93 -17.00 18.26
N SER A 36 9.72 -15.75 17.85
CA SER A 36 9.65 -14.64 18.82
C SER A 36 8.48 -14.80 19.80
N GLY A 37 7.28 -14.95 19.28
CA GLY A 37 6.17 -15.11 20.18
C GLY A 37 5.42 -13.87 20.62
N SER A 38 5.90 -12.68 20.29
CA SER A 38 5.15 -11.49 20.68
C SER A 38 4.53 -10.97 19.37
N ASP A 39 3.57 -10.07 19.45
CA ASP A 39 2.97 -9.57 18.23
C ASP A 39 4.01 -8.92 17.34
N MET A 40 3.75 -8.90 16.04
CA MET A 40 4.69 -8.32 15.10
C MET A 40 3.94 -7.36 14.19
N VAL A 41 4.60 -6.28 13.80
CA VAL A 41 3.97 -5.30 12.94
C VAL A 41 4.95 -4.69 11.94
N LEU A 42 4.56 -4.67 10.66
CA LEU A 42 5.39 -4.08 9.61
C LEU A 42 4.86 -2.67 9.43
N VAL A 43 5.75 -1.69 9.49
CA VAL A 43 5.35 -0.30 9.34
C VAL A 43 5.94 0.29 8.07
N GLY A 44 5.08 0.48 7.07
CA GLY A 44 5.55 1.04 5.83
C GLY A 44 5.53 2.55 5.91
N LEU A 45 6.49 3.17 5.25
CA LEU A 45 6.58 4.61 5.21
C LEU A 45 5.96 5.08 3.92
N LEU A 46 4.78 5.70 4.03
CA LEU A 46 4.10 6.23 2.85
C LEU A 46 4.95 7.40 2.33
N ARG A 47 4.86 7.73 1.04
CA ARG A 47 3.97 7.09 0.08
C ARG A 47 4.73 5.99 -0.67
N GLY A 48 6.00 6.26 -0.94
CA GLY A 48 6.85 5.36 -1.69
C GLY A 48 6.91 3.87 -1.42
N SER A 49 6.56 3.41 -0.23
CA SER A 49 6.69 1.98 0.04
C SER A 49 5.41 1.14 0.05
N PHE A 50 4.28 1.71 -0.34
CA PHE A 50 3.04 0.95 -0.32
C PHE A 50 3.11 -0.33 -1.18
N MET A 51 3.75 -0.26 -2.34
CA MET A 51 3.82 -1.43 -3.20
C MET A 51 4.73 -2.52 -2.63
N PHE A 52 5.91 -2.11 -2.19
CA PHE A 52 6.87 -3.05 -1.61
C PHE A 52 6.22 -3.70 -0.39
N MET A 53 5.45 -2.92 0.37
CA MET A 53 4.78 -3.46 1.56
C MET A 53 3.77 -4.53 1.15
N ALA A 54 2.93 -4.20 0.17
CA ALA A 54 1.92 -5.13 -0.32
C ALA A 54 2.50 -6.50 -0.64
N ASP A 55 3.58 -6.51 -1.42
CA ASP A 55 4.22 -7.76 -1.81
C ASP A 55 5.01 -8.43 -0.69
N LEU A 56 5.75 -7.65 0.10
CA LEU A 56 6.55 -8.20 1.17
C LEU A 56 5.75 -8.93 2.23
N CYS A 57 4.69 -8.29 2.76
CA CYS A 57 3.90 -8.92 3.81
C CYS A 57 3.29 -10.25 3.39
N ARG A 58 3.08 -10.45 2.09
CA ARG A 58 2.52 -11.71 1.60
C ARG A 58 3.52 -12.85 1.64
N GLU A 59 4.80 -12.51 1.78
CA GLU A 59 5.87 -13.51 1.84
C GLU A 59 6.31 -13.77 3.28
N VAL A 60 5.76 -12.99 4.20
CA VAL A 60 6.11 -13.12 5.61
C VAL A 60 5.17 -14.15 6.26
N GLN A 61 5.70 -15.34 6.47
CA GLN A 61 4.93 -16.43 7.06
C GLN A 61 4.75 -16.40 8.57
N VAL A 62 4.64 -15.21 9.15
CA VAL A 62 4.39 -15.14 10.59
C VAL A 62 3.26 -14.15 10.75
N SER A 63 2.30 -14.50 11.60
CA SER A 63 1.15 -13.65 11.83
C SER A 63 1.56 -12.26 12.28
N HIS A 64 1.21 -11.25 11.49
CA HIS A 64 1.53 -9.87 11.83
C HIS A 64 0.43 -8.88 11.46
N GLU A 65 0.65 -7.63 11.82
CA GLU A 65 -0.29 -6.57 11.50
C GLU A 65 0.47 -5.64 10.56
N VAL A 66 -0.26 -4.86 9.77
CA VAL A 66 0.35 -3.92 8.83
C VAL A 66 -0.14 -2.52 9.14
N ASP A 67 0.79 -1.58 9.29
CA ASP A 67 0.43 -0.20 9.59
C ASP A 67 1.32 0.68 8.72
N PHE A 68 0.97 1.95 8.66
CA PHE A 68 1.75 2.89 7.87
C PHE A 68 2.02 4.18 8.64
N MET A 69 3.01 4.93 8.18
CA MET A 69 3.35 6.18 8.80
C MET A 69 3.93 7.07 7.71
N THR A 70 3.63 8.36 7.75
CA THR A 70 4.19 9.23 6.74
C THR A 70 4.99 10.32 7.44
N ALA A 71 6.23 10.52 7.00
CA ALA A 71 7.08 11.52 7.62
C ALA A 71 7.70 12.48 6.63
N SER A 72 8.03 13.67 7.11
CA SER A 72 8.69 14.68 6.29
C SER A 72 10.12 14.18 6.13
N SER A 73 11.02 15.01 5.61
CA SER A 73 12.40 14.56 5.43
C SER A 73 13.40 15.68 5.18
N ARG A 82 13.36 20.47 7.19
CA ARG A 82 14.57 20.08 7.89
C ARG A 82 14.28 19.08 9.01
N ASP A 83 13.45 19.48 9.96
CA ASP A 83 13.09 18.58 11.06
C ASP A 83 12.23 17.48 10.49
N LEU A 84 12.24 16.34 11.16
CA LEU A 84 11.46 15.19 10.72
C LEU A 84 10.14 15.20 11.49
N LYS A 85 9.06 15.58 10.82
CA LYS A 85 7.76 15.65 11.45
C LYS A 85 6.85 14.50 11.04
N ILE A 86 5.97 14.10 11.96
CA ILE A 86 5.04 13.01 11.70
C ILE A 86 3.75 13.51 11.07
N LEU A 87 3.62 13.32 9.77
CA LEU A 87 2.42 13.77 9.07
C LEU A 87 1.25 12.81 9.23
N LYS A 88 1.54 11.56 9.60
CA LYS A 88 0.52 10.55 9.83
C LYS A 88 1.17 9.46 10.69
N ASP A 89 0.74 9.39 11.94
CA ASP A 89 1.29 8.41 12.87
C ASP A 89 0.58 7.08 12.71
N LEU A 90 1.15 6.04 13.31
CA LEU A 90 0.60 4.69 13.28
C LEU A 90 -0.77 4.65 13.95
N ASP A 91 -1.56 3.65 13.62
CA ASP A 91 -2.86 3.49 14.25
C ASP A 91 -2.69 2.47 15.36
N GLU A 92 -1.61 1.71 15.26
CA GLU A 92 -1.31 0.67 16.23
C GLU A 92 -0.28 1.06 17.27
N ASP A 93 -0.25 0.29 18.36
CA ASP A 93 0.72 0.49 19.42
C ASP A 93 1.78 -0.55 19.17
N ILE A 94 3.04 -0.14 19.25
CA ILE A 94 4.14 -1.05 18.99
C ILE A 94 4.91 -1.48 20.24
N ARG A 95 4.53 -0.92 21.39
CA ARG A 95 5.19 -1.26 22.64
C ARG A 95 5.21 -2.77 22.85
N GLY A 96 6.38 -3.31 23.16
CA GLY A 96 6.52 -4.74 23.38
C GLY A 96 6.22 -5.60 22.16
N LYS A 97 6.48 -5.06 20.97
CA LYS A 97 6.23 -5.82 19.74
C LYS A 97 7.43 -5.77 18.82
N ASP A 98 7.55 -6.78 17.97
CA ASP A 98 8.65 -6.80 17.01
C ASP A 98 8.14 -5.88 15.92
N VAL A 99 8.94 -4.87 15.58
CA VAL A 99 8.51 -3.92 14.57
C VAL A 99 9.46 -3.93 13.39
N LEU A 100 8.93 -4.15 12.20
CA LEU A 100 9.73 -4.16 10.98
C LEU A 100 9.37 -2.95 10.14
N ILE A 101 10.22 -1.92 10.15
CA ILE A 101 9.96 -0.74 9.34
C ILE A 101 10.20 -1.07 7.87
N VAL A 102 9.18 -0.89 7.05
CA VAL A 102 9.27 -1.19 5.63
C VAL A 102 9.47 0.08 4.78
N GLU A 103 10.65 0.19 4.17
CA GLU A 103 10.98 1.35 3.35
C GLU A 103 11.26 0.97 1.92
N ASP A 104 11.07 1.91 1.00
CA ASP A 104 11.32 1.65 -0.42
C ASP A 104 12.77 1.92 -0.79
N ILE A 105 13.33 3.00 -0.26
CA ILE A 105 14.70 3.34 -0.56
C ILE A 105 15.40 4.09 0.56
N ILE A 106 16.68 3.75 0.76
CA ILE A 106 17.50 4.40 1.76
C ILE A 106 18.77 4.86 1.05
N ASP A 107 19.09 6.14 1.17
CA ASP A 107 20.31 6.65 0.55
C ASP A 107 21.12 7.43 1.57
N SER A 108 20.65 8.60 1.98
CA SER A 108 21.37 9.38 2.97
C SER A 108 21.21 8.74 4.34
N GLY A 109 20.01 8.24 4.63
CA GLY A 109 19.76 7.61 5.91
C GLY A 109 19.26 8.57 6.98
N ASN A 110 19.04 9.82 6.60
CA ASN A 110 18.56 10.82 7.55
C ASN A 110 17.17 10.52 8.09
N THR A 111 16.20 10.49 7.19
CA THR A 111 14.81 10.23 7.55
C THR A 111 14.59 8.94 8.31
N LEU A 112 15.09 7.83 7.78
CA LEU A 112 14.95 6.54 8.44
C LEU A 112 15.55 6.59 9.84
N SER A 113 16.77 7.12 9.91
CA SER A 113 17.50 7.24 11.17
C SER A 113 16.59 7.86 12.23
N LYS A 114 15.89 8.93 11.84
CA LYS A 114 14.96 9.63 12.73
C LYS A 114 13.68 8.86 13.01
N VAL A 115 13.05 8.34 11.97
CA VAL A 115 11.82 7.59 12.14
C VAL A 115 12.07 6.46 13.13
N ARG A 116 13.24 5.84 13.02
CA ARG A 116 13.61 4.75 13.91
C ARG A 116 13.72 5.27 15.34
N GLU A 117 14.31 6.44 15.52
CA GLU A 117 14.43 7.01 16.86
C GLU A 117 13.04 7.24 17.45
N ILE A 118 12.16 7.79 16.65
CA ILE A 118 10.81 8.06 17.12
C ILE A 118 10.07 6.82 17.61
N LEU A 119 10.16 5.72 16.86
CA LEU A 119 9.47 4.50 17.25
C LEU A 119 10.15 3.84 18.43
N SER A 120 11.47 3.97 18.47
CA SER A 120 12.26 3.40 19.55
C SER A 120 11.71 3.90 20.89
N LEU A 121 11.28 5.16 20.92
CA LEU A 121 10.74 5.77 22.13
C LEU A 121 9.51 5.05 22.68
N ARG A 122 8.78 4.37 21.81
CA ARG A 122 7.57 3.68 22.23
C ARG A 122 7.86 2.31 22.81
N GLU A 123 9.15 2.00 22.92
CA GLU A 123 9.62 0.75 23.49
C GLU A 123 9.06 -0.54 22.90
N PRO A 124 9.36 -0.80 21.62
CA PRO A 124 8.85 -2.03 21.00
C PRO A 124 9.74 -3.15 21.50
N LYS A 125 9.30 -4.40 21.36
CA LYS A 125 10.13 -5.53 21.81
C LYS A 125 11.41 -5.55 20.98
N SER A 126 11.29 -5.31 19.68
CA SER A 126 12.41 -5.28 18.76
C SER A 126 12.13 -4.29 17.63
N LEU A 127 13.19 -3.71 17.07
CA LEU A 127 13.04 -2.75 16.00
C LEU A 127 14.08 -2.96 14.91
N ALA A 128 13.62 -3.26 13.69
CA ALA A 128 14.53 -3.46 12.56
C ALA A 128 13.98 -2.70 11.35
N ILE A 129 14.77 -2.66 10.28
CA ILE A 129 14.36 -1.98 9.06
C ILE A 129 14.55 -2.89 7.86
N CYS A 130 13.62 -2.82 6.91
CA CYS A 130 13.74 -3.59 5.68
C CYS A 130 13.47 -2.64 4.53
N THR A 131 14.47 -2.44 3.68
CA THR A 131 14.34 -1.54 2.55
C THR A 131 14.46 -2.33 1.25
N LEU A 132 13.74 -1.92 0.22
CA LEU A 132 13.83 -2.61 -1.06
C LEU A 132 15.14 -2.23 -1.74
N LEU A 133 15.38 -0.94 -1.89
CA LEU A 133 16.60 -0.44 -2.53
C LEU A 133 17.53 0.27 -1.55
N ASP A 134 18.82 0.25 -1.88
CA ASP A 134 19.82 0.90 -1.05
C ASP A 134 20.94 1.55 -1.86
N LYS A 135 21.19 2.82 -1.60
CA LYS A 135 22.26 3.55 -2.26
C LYS A 135 23.31 3.90 -1.22
N PRO A 136 24.14 2.91 -0.84
CA PRO A 136 25.20 3.10 0.16
C PRO A 136 26.08 4.31 -0.17
N SER A 137 26.30 4.54 -1.46
CA SER A 137 27.15 5.64 -1.92
C SER A 137 26.56 6.98 -1.54
N ARG A 138 25.34 6.97 -1.02
CA ARG A 138 24.69 8.21 -0.67
C ARG A 138 24.56 8.40 0.84
N ARG A 139 24.94 7.39 1.61
CA ARG A 139 24.84 7.44 3.06
C ARG A 139 25.56 8.61 3.71
N GLU A 140 24.86 9.31 4.60
CA GLU A 140 25.44 10.45 5.30
C GLU A 140 25.39 10.16 6.78
N VAL A 141 24.49 9.26 7.17
CA VAL A 141 24.30 8.90 8.57
C VAL A 141 24.33 7.39 8.74
N ASN A 142 25.02 6.92 9.77
CA ASN A 142 25.06 5.48 10.03
C ASN A 142 23.71 5.09 10.60
N VAL A 143 23.03 4.18 9.90
CA VAL A 143 21.73 3.71 10.37
C VAL A 143 21.68 2.21 10.11
N PRO A 144 21.26 1.44 11.13
CA PRO A 144 21.16 -0.01 11.03
C PRO A 144 20.05 -0.42 10.06
N VAL A 145 20.42 -1.23 9.07
CA VAL A 145 19.47 -1.72 8.09
C VAL A 145 19.64 -3.23 8.07
N GLU A 146 18.70 -3.92 8.71
CA GLU A 146 18.71 -5.37 8.82
C GLU A 146 18.42 -6.16 7.54
N PHE A 147 17.58 -5.62 6.65
CA PHE A 147 17.26 -6.32 5.42
C PHE A 147 17.24 -5.38 4.23
N ILE A 148 17.92 -5.80 3.17
CA ILE A 148 18.02 -5.01 1.95
C ILE A 148 17.70 -5.87 0.74
N GLY A 149 16.83 -5.37 -0.13
CA GLY A 149 16.49 -6.13 -1.32
C GLY A 149 17.60 -6.02 -2.36
N PHE A 150 18.01 -4.79 -2.64
CA PHE A 150 19.07 -4.53 -3.61
C PHE A 150 19.93 -3.32 -3.23
N SER A 151 21.25 -3.47 -3.36
CA SER A 151 22.15 -2.35 -3.11
C SER A 151 22.40 -1.91 -4.56
N ILE A 152 22.09 -0.65 -4.85
CA ILE A 152 22.21 -0.16 -6.22
C ILE A 152 23.08 1.08 -6.37
N PRO A 153 23.55 1.35 -7.61
CA PRO A 153 24.38 2.53 -7.85
C PRO A 153 23.53 3.80 -7.70
N ASP A 154 24.16 4.96 -7.68
CA ASP A 154 23.42 6.21 -7.52
C ASP A 154 22.68 6.61 -8.79
N GLU A 155 21.56 5.95 -9.06
CA GLU A 155 20.73 6.24 -10.22
C GLU A 155 19.45 6.85 -9.69
N PHE A 156 18.75 7.65 -10.51
CA PHE A 156 17.48 8.22 -10.07
C PHE A 156 16.44 7.20 -10.52
N VAL A 157 16.06 6.36 -9.57
CA VAL A 157 15.12 5.29 -9.83
C VAL A 157 13.67 5.70 -9.66
N VAL A 158 12.80 4.99 -10.36
CA VAL A 158 11.36 5.24 -10.27
C VAL A 158 10.65 3.91 -10.41
N GLY A 159 9.33 3.93 -10.33
CA GLY A 159 8.54 2.72 -10.44
C GLY A 159 8.42 1.97 -9.12
N TYR A 160 7.57 0.96 -9.12
CA TYR A 160 7.36 0.15 -7.93
C TYR A 160 7.17 1.03 -6.71
N GLY A 161 6.24 1.97 -6.81
CA GLY A 161 5.96 2.85 -5.69
C GLY A 161 6.74 4.16 -5.71
N ILE A 162 7.96 4.11 -6.22
CA ILE A 162 8.81 5.29 -6.29
C ILE A 162 8.35 6.17 -7.44
N ASP A 163 8.63 7.46 -7.34
CA ASP A 163 8.18 8.38 -8.38
C ASP A 163 9.21 9.38 -8.86
N TYR A 164 8.80 10.16 -9.85
CA TYR A 164 9.60 11.24 -10.43
C TYR A 164 8.60 12.32 -10.73
N ALA A 165 8.51 13.31 -9.85
CA ALA A 165 7.56 14.39 -10.05
C ALA A 165 6.16 13.81 -10.09
N GLN A 166 5.79 13.13 -9.00
CA GLN A 166 4.49 12.50 -8.85
C GLN A 166 4.12 11.65 -10.08
N ARG A 167 5.09 10.89 -10.56
CA ARG A 167 4.89 10.06 -11.73
C ARG A 167 5.67 8.77 -11.69
N TYR A 168 5.11 7.70 -12.26
CA TYR A 168 5.75 6.39 -12.37
C TYR A 168 5.58 5.38 -11.22
N ARG A 169 4.89 5.75 -10.15
CA ARG A 169 4.71 4.83 -9.02
C ARG A 169 4.10 3.47 -9.41
N HIS A 170 3.22 3.47 -10.41
CA HIS A 170 2.54 2.26 -10.84
C HIS A 170 3.36 1.25 -11.66
N LEU A 171 4.58 1.62 -12.05
CA LEU A 171 5.42 0.69 -12.79
C LEU A 171 5.72 -0.56 -11.95
N PRO A 172 5.57 -1.75 -12.54
CA PRO A 172 5.83 -3.03 -11.86
C PRO A 172 7.30 -3.39 -11.78
N TYR A 173 8.16 -2.46 -12.18
CA TYR A 173 9.60 -2.71 -12.15
C TYR A 173 10.34 -1.44 -11.73
N ILE A 174 11.58 -1.58 -11.30
CA ILE A 174 12.37 -0.43 -10.91
C ILE A 174 13.07 0.04 -12.17
N GLY A 175 12.85 1.29 -12.55
CA GLY A 175 13.51 1.81 -13.73
C GLY A 175 14.40 2.98 -13.37
N LYS A 176 15.20 3.43 -14.32
CA LYS A 176 16.07 4.57 -14.09
C LYS A 176 15.79 5.66 -15.11
N VAL A 177 15.60 6.88 -14.62
CA VAL A 177 15.34 8.02 -15.49
C VAL A 177 16.66 8.36 -16.17
N ILE A 178 16.62 8.69 -17.46
CA ILE A 178 17.83 9.03 -18.18
C ILE A 178 18.00 10.54 -18.31
N LEU A 179 16.97 11.22 -18.78
CA LEU A 179 16.99 12.67 -18.90
C LEU A 179 17.76 13.25 -20.10
N LEU A 180 17.24 14.37 -20.62
CA LEU A 180 17.82 15.08 -21.77
C LEU A 180 18.01 14.14 -22.94
N ASP A 181 17.15 13.13 -23.03
CA ASP A 181 17.22 12.15 -24.12
C ASP A 181 15.82 11.75 -24.58
N MET B 5 -13.93 -16.00 20.37
CA MET B 5 -12.98 -15.52 19.38
C MET B 5 -12.08 -16.67 18.87
N LYS B 6 -12.42 -17.89 19.24
CA LYS B 6 -11.67 -19.08 18.80
C LYS B 6 -12.11 -19.37 17.37
N HIS B 7 -11.17 -19.50 16.44
CA HIS B 7 -11.57 -19.71 15.05
C HIS B 7 -10.47 -20.21 14.11
N THR B 8 -10.83 -20.27 12.83
CA THR B 8 -9.92 -20.67 11.78
C THR B 8 -10.34 -19.94 10.51
N VAL B 9 -9.42 -19.85 9.56
CA VAL B 9 -9.70 -19.17 8.31
C VAL B 9 -9.54 -20.11 7.13
N GLU B 10 -10.52 -20.12 6.24
CA GLU B 10 -10.43 -20.98 5.08
C GLU B 10 -10.49 -20.11 3.82
N VAL B 11 -9.78 -20.54 2.79
CA VAL B 11 -9.76 -19.80 1.53
C VAL B 11 -11.13 -19.71 0.86
N MET B 12 -11.56 -18.49 0.58
CA MET B 12 -12.85 -18.27 -0.09
C MET B 12 -12.58 -17.92 -1.55
N ILE B 13 -11.71 -16.94 -1.77
CA ILE B 13 -11.34 -16.50 -3.11
C ILE B 13 -9.82 -16.59 -3.29
N PRO B 14 -9.34 -17.67 -3.92
CA PRO B 14 -7.89 -17.88 -4.14
C PRO B 14 -7.20 -16.68 -4.79
N GLU B 15 -5.98 -16.41 -4.34
CA GLU B 15 -5.22 -15.29 -4.87
C GLU B 15 -5.10 -15.33 -6.38
N ALA B 16 -5.07 -16.53 -6.95
CA ALA B 16 -4.95 -16.68 -8.40
C ALA B 16 -6.18 -16.10 -9.06
N GLU B 17 -7.33 -16.26 -8.40
CA GLU B 17 -8.56 -15.73 -8.94
C GLU B 17 -8.58 -14.22 -8.75
N ILE B 18 -8.16 -13.76 -7.57
CA ILE B 18 -8.12 -12.33 -7.30
C ILE B 18 -7.27 -11.64 -8.36
N LYS B 19 -6.11 -12.24 -8.65
CA LYS B 19 -5.21 -11.68 -9.65
C LYS B 19 -5.83 -11.55 -11.03
N ALA B 20 -6.65 -12.53 -11.38
CA ALA B 20 -7.32 -12.54 -12.68
C ALA B 20 -8.35 -11.42 -12.76
N ARG B 21 -9.17 -11.31 -11.71
CA ARG B 21 -10.20 -10.29 -11.70
C ARG B 21 -9.63 -8.91 -11.75
N ILE B 22 -8.48 -8.72 -11.09
CA ILE B 22 -7.83 -7.42 -11.04
C ILE B 22 -7.28 -7.06 -12.42
N ALA B 23 -6.69 -8.03 -13.10
CA ALA B 23 -6.16 -7.77 -14.43
C ALA B 23 -7.29 -7.27 -15.34
N GLU B 24 -8.47 -7.89 -15.19
CA GLU B 24 -9.64 -7.52 -15.97
C GLU B 24 -10.12 -6.13 -15.55
N LEU B 25 -10.17 -5.87 -14.25
CA LEU B 25 -10.59 -4.55 -13.78
C LEU B 25 -9.62 -3.55 -14.41
N GLY B 26 -8.35 -3.91 -14.43
CA GLY B 26 -7.32 -3.06 -15.01
C GLY B 26 -7.61 -2.70 -16.46
N ARG B 27 -7.98 -3.72 -17.25
CA ARG B 27 -8.30 -3.49 -18.66
C ARG B 27 -9.49 -2.55 -18.73
N GLN B 28 -10.49 -2.79 -17.88
CA GLN B 28 -11.70 -1.98 -17.84
C GLN B 28 -11.40 -0.55 -17.44
N ILE B 29 -10.58 -0.38 -16.42
CA ILE B 29 -10.24 0.97 -15.99
C ILE B 29 -9.45 1.65 -17.11
N THR B 30 -8.48 0.94 -17.67
CA THR B 30 -7.65 1.47 -18.75
C THR B 30 -8.51 1.93 -19.93
N GLU B 31 -9.38 1.05 -20.39
CA GLU B 31 -10.26 1.36 -21.52
C GLU B 31 -11.10 2.59 -21.24
N ARG B 32 -11.63 2.67 -20.04
CA ARG B 32 -12.48 3.78 -19.65
C ARG B 32 -11.76 5.12 -19.59
N TYR B 33 -10.45 5.12 -19.36
CA TYR B 33 -9.72 6.38 -19.25
C TYR B 33 -8.68 6.72 -20.29
N LYS B 34 -8.10 5.71 -20.94
CA LYS B 34 -7.05 5.94 -21.92
C LYS B 34 -7.17 7.17 -22.82
N ASP B 35 -8.38 7.61 -23.14
CA ASP B 35 -8.52 8.78 -24.02
C ASP B 35 -8.87 10.10 -23.34
N SER B 36 -8.95 10.12 -22.02
CA SER B 36 -9.29 11.36 -21.32
C SER B 36 -8.31 12.49 -21.63
N GLY B 37 -7.03 12.20 -21.53
CA GLY B 37 -6.02 13.22 -21.80
C GLY B 37 -5.66 14.06 -20.58
N SER B 38 -6.47 13.95 -19.53
CA SER B 38 -6.22 14.69 -18.30
C SER B 38 -5.36 13.84 -17.38
N ASP B 39 -4.88 14.45 -16.30
CA ASP B 39 -4.07 13.71 -15.34
C ASP B 39 -5.00 12.76 -14.58
N MET B 40 -4.49 11.61 -14.20
CA MET B 40 -5.27 10.64 -13.45
C MET B 40 -4.56 10.36 -12.12
N VAL B 41 -5.35 10.05 -11.09
CA VAL B 41 -4.80 9.72 -9.79
C VAL B 41 -5.69 8.70 -9.08
N LEU B 42 -5.08 7.59 -8.66
CA LEU B 42 -5.84 6.58 -7.94
C LEU B 42 -5.72 6.98 -6.48
N VAL B 43 -6.86 6.99 -5.79
CA VAL B 43 -6.87 7.36 -4.39
C VAL B 43 -7.31 6.19 -3.54
N GLY B 44 -6.35 5.63 -2.80
CA GLY B 44 -6.64 4.50 -1.94
C GLY B 44 -6.94 4.93 -0.52
N LEU B 45 -7.86 4.20 0.10
CA LEU B 45 -8.25 4.46 1.48
C LEU B 45 -7.42 3.55 2.39
N LEU B 46 -6.74 4.14 3.36
CA LEU B 46 -5.92 3.38 4.30
C LEU B 46 -6.74 3.00 5.51
N ARG B 47 -6.47 1.85 6.15
CA ARG B 47 -5.40 0.92 5.78
C ARG B 47 -5.82 -0.09 4.69
N GLY B 48 -7.09 -0.45 4.71
CA GLY B 48 -7.62 -1.43 3.77
C GLY B 48 -7.20 -1.60 2.31
N SER B 49 -7.04 -0.51 1.59
CA SER B 49 -6.72 -0.62 0.17
C SER B 49 -5.27 -0.77 -0.27
N PHE B 50 -4.33 -0.74 0.66
CA PHE B 50 -2.92 -0.81 0.29
C PHE B 50 -2.55 -1.95 -0.65
N MET B 51 -2.97 -3.18 -0.33
CA MET B 51 -2.63 -4.31 -1.17
C MET B 51 -3.34 -4.26 -2.52
N PHE B 52 -4.66 -4.01 -2.47
CA PHE B 52 -5.49 -3.92 -3.68
C PHE B 52 -4.95 -2.81 -4.58
N MET B 53 -4.63 -1.67 -4.00
CA MET B 53 -4.09 -0.56 -4.77
C MET B 53 -2.81 -1.00 -5.49
N ALA B 54 -1.94 -1.69 -4.75
CA ALA B 54 -0.67 -2.15 -5.29
C ALA B 54 -0.85 -2.93 -6.58
N ASP B 55 -1.65 -3.99 -6.51
CA ASP B 55 -1.91 -4.81 -7.67
C ASP B 55 -2.70 -4.06 -8.76
N LEU B 56 -3.81 -3.45 -8.38
CA LEU B 56 -4.64 -2.73 -9.34
C LEU B 56 -3.90 -1.70 -10.18
N CYS B 57 -3.19 -0.79 -9.53
CA CYS B 57 -2.48 0.25 -10.27
C CYS B 57 -1.52 -0.31 -11.30
N ARG B 58 -0.97 -1.49 -11.04
CA ARG B 58 -0.05 -2.09 -12.01
C ARG B 58 -0.81 -2.59 -13.23
N GLU B 59 -2.10 -2.83 -13.07
CA GLU B 59 -2.92 -3.30 -14.17
C GLU B 59 -3.54 -2.16 -14.96
N VAL B 60 -3.42 -0.95 -14.44
CA VAL B 60 -3.98 0.20 -15.13
C VAL B 60 -2.96 0.72 -16.13
N GLN B 61 -3.25 0.56 -17.42
CA GLN B 61 -2.32 0.99 -18.45
C GLN B 61 -2.32 2.46 -18.85
N VAL B 62 -2.75 3.36 -17.97
CA VAL B 62 -2.69 4.78 -18.32
C VAL B 62 -1.83 5.47 -17.28
N SER B 63 -1.06 6.46 -17.71
CA SER B 63 -0.18 7.17 -16.80
C SER B 63 -1.04 7.78 -15.69
N HIS B 64 -0.70 7.51 -14.44
CA HIS B 64 -1.47 8.05 -13.30
C HIS B 64 -0.65 8.20 -12.01
N GLU B 65 -1.19 8.98 -11.07
CA GLU B 65 -0.57 9.20 -9.77
C GLU B 65 -1.25 8.27 -8.79
N VAL B 66 -0.57 8.00 -7.67
CA VAL B 66 -1.13 7.15 -6.62
C VAL B 66 -1.00 7.90 -5.30
N ASP B 67 -2.13 8.27 -4.73
CA ASP B 67 -2.15 8.98 -3.46
C ASP B 67 -3.05 8.18 -2.53
N PHE B 68 -2.85 8.35 -1.23
CA PHE B 68 -3.69 7.66 -0.26
C PHE B 68 -4.36 8.68 0.64
N MET B 69 -5.34 8.22 1.39
CA MET B 69 -6.10 9.08 2.28
C MET B 69 -6.68 8.16 3.35
N THR B 70 -6.88 8.67 4.55
CA THR B 70 -7.45 7.84 5.58
C THR B 70 -8.53 8.59 6.37
N ALA B 71 -9.75 8.03 6.35
CA ALA B 71 -10.90 8.59 7.03
C ALA B 71 -11.23 7.78 8.26
N SER B 72 -12.17 8.26 9.06
CA SER B 72 -12.58 7.56 10.27
C SER B 72 -13.82 6.69 10.06
N SER B 73 -13.59 5.42 9.73
CA SER B 73 -14.68 4.47 9.49
C SER B 73 -15.37 4.07 10.81
N ARG B 82 -19.43 9.17 14.66
CA ARG B 82 -20.50 9.29 13.69
C ARG B 82 -20.12 10.14 12.48
N ASP B 83 -19.45 11.26 12.70
CA ASP B 83 -19.03 12.10 11.56
C ASP B 83 -17.81 11.50 10.90
N LEU B 84 -17.81 11.48 9.57
CA LEU B 84 -16.67 10.96 8.86
C LEU B 84 -15.61 12.06 8.78
N LYS B 85 -14.49 11.86 9.47
CA LYS B 85 -13.43 12.85 9.49
C LYS B 85 -12.21 12.39 8.71
N ILE B 86 -11.32 13.32 8.41
CA ILE B 86 -10.11 13.02 7.65
C ILE B 86 -8.86 13.00 8.53
N LEU B 87 -8.36 11.80 8.82
CA LEU B 87 -7.18 11.67 9.65
C LEU B 87 -5.93 12.03 8.84
N LYS B 88 -5.94 11.69 7.56
CA LYS B 88 -4.82 12.02 6.67
C LYS B 88 -5.38 12.29 5.28
N ASP B 89 -5.22 13.53 4.83
CA ASP B 89 -5.72 13.92 3.53
C ASP B 89 -4.72 13.61 2.43
N LEU B 90 -5.16 13.79 1.18
CA LEU B 90 -4.32 13.55 0.02
C LEU B 90 -3.09 14.47 0.09
N ASP B 91 -1.97 14.01 -0.48
CA ASP B 91 -0.78 14.84 -0.49
C ASP B 91 -0.81 15.72 -1.72
N GLU B 92 -1.50 15.26 -2.76
CA GLU B 92 -1.58 16.01 -4.02
C GLU B 92 -2.98 16.52 -4.33
N ASP B 93 -3.06 17.45 -5.29
CA ASP B 93 -4.32 18.05 -5.70
C ASP B 93 -4.99 17.19 -6.74
N ILE B 94 -6.31 17.27 -6.84
CA ILE B 94 -7.05 16.46 -7.80
C ILE B 94 -7.89 17.31 -8.75
N ARG B 95 -7.94 18.61 -8.47
CA ARG B 95 -8.73 19.52 -9.30
C ARG B 95 -8.42 19.35 -10.78
N GLY B 96 -9.47 19.17 -11.57
CA GLY B 96 -9.30 19.00 -13.00
C GLY B 96 -8.73 17.66 -13.43
N LYS B 97 -8.58 16.72 -12.51
CA LYS B 97 -8.04 15.41 -12.83
C LYS B 97 -9.08 14.31 -12.76
N ASP B 98 -8.75 13.13 -13.27
CA ASP B 98 -9.66 12.00 -13.19
C ASP B 98 -9.28 11.24 -11.93
N VAL B 99 -10.21 11.15 -10.99
CA VAL B 99 -9.95 10.49 -9.72
C VAL B 99 -10.72 9.18 -9.55
N LEU B 100 -10.00 8.11 -9.24
CA LEU B 100 -10.63 6.81 -9.04
C LEU B 100 -10.37 6.36 -7.61
N ILE B 101 -11.36 6.49 -6.73
CA ILE B 101 -11.20 6.06 -5.35
C ILE B 101 -11.09 4.55 -5.33
N VAL B 102 -10.10 4.06 -4.59
CA VAL B 102 -9.84 2.62 -4.49
C VAL B 102 -10.00 2.15 -3.05
N GLU B 103 -10.92 1.20 -2.84
CA GLU B 103 -11.16 0.63 -1.52
C GLU B 103 -11.16 -0.89 -1.62
N ASP B 104 -10.89 -1.55 -0.50
CA ASP B 104 -10.86 -3.00 -0.48
C ASP B 104 -12.28 -3.56 -0.49
N ILE B 105 -13.19 -2.88 0.20
CA ILE B 105 -14.56 -3.36 0.26
C ILE B 105 -15.56 -2.29 0.66
N ILE B 106 -16.76 -2.41 0.11
CA ILE B 106 -17.83 -1.50 0.41
C ILE B 106 -18.99 -2.35 0.91
N ASP B 107 -19.57 -1.93 2.03
CA ASP B 107 -20.72 -2.62 2.60
C ASP B 107 -21.79 -1.57 2.90
N SER B 108 -21.68 -0.90 4.04
CA SER B 108 -22.67 0.12 4.38
C SER B 108 -22.63 1.23 3.34
N GLY B 109 -21.43 1.55 2.86
CA GLY B 109 -21.26 2.60 1.88
C GLY B 109 -21.16 4.00 2.48
N ASN B 110 -21.19 4.09 3.80
CA ASN B 110 -21.10 5.37 4.47
C ASN B 110 -19.80 6.16 4.21
N THR B 111 -18.66 5.60 4.61
CA THR B 111 -17.39 6.30 4.42
C THR B 111 -17.16 6.65 2.96
N LEU B 112 -17.31 5.67 2.08
CA LEU B 112 -17.13 5.86 0.65
C LEU B 112 -18.00 7.04 0.19
N SER B 113 -19.25 7.05 0.62
CA SER B 113 -20.18 8.11 0.27
C SER B 113 -19.67 9.50 0.68
N LYS B 114 -19.26 9.62 1.93
CA LYS B 114 -18.76 10.89 2.44
C LYS B 114 -17.45 11.31 1.77
N VAL B 115 -16.53 10.35 1.62
CA VAL B 115 -15.25 10.64 0.99
C VAL B 115 -15.47 11.16 -0.44
N ARG B 116 -16.42 10.56 -1.15
CA ARG B 116 -16.69 11.00 -2.52
C ARG B 116 -17.14 12.46 -2.50
N GLU B 117 -17.96 12.85 -1.51
CA GLU B 117 -18.45 14.23 -1.39
C GLU B 117 -17.30 15.20 -1.16
N ILE B 118 -16.46 14.87 -0.19
CA ILE B 118 -15.32 15.72 0.15
C ILE B 118 -14.43 15.98 -1.06
N LEU B 119 -14.11 14.94 -1.81
CA LEU B 119 -13.26 15.07 -2.98
C LEU B 119 -13.97 15.81 -4.10
N SER B 120 -15.28 15.65 -4.14
CA SER B 120 -16.11 16.30 -5.14
C SER B 120 -15.89 17.81 -5.06
N LEU B 121 -15.87 18.34 -3.84
CA LEU B 121 -15.66 19.76 -3.63
C LEU B 121 -14.40 20.32 -4.29
N ARG B 122 -13.40 19.47 -4.51
CA ARG B 122 -12.15 19.92 -5.11
C ARG B 122 -12.24 20.00 -6.63
N GLU B 123 -13.45 19.77 -7.14
CA GLU B 123 -13.71 19.84 -8.58
C GLU B 123 -12.81 19.03 -9.48
N PRO B 124 -12.76 17.71 -9.29
CA PRO B 124 -11.90 16.91 -10.17
C PRO B 124 -12.61 16.76 -11.51
N LYS B 125 -11.87 16.45 -12.57
CA LYS B 125 -12.51 16.28 -13.86
C LYS B 125 -13.61 15.24 -13.71
N SER B 126 -13.34 14.20 -12.93
CA SER B 126 -14.34 13.15 -12.71
C SER B 126 -14.03 12.33 -11.46
N LEU B 127 -15.04 11.61 -10.97
CA LEU B 127 -14.92 10.78 -9.78
C LEU B 127 -15.58 9.41 -9.95
N ALA B 128 -14.85 8.37 -9.59
CA ALA B 128 -15.37 7.01 -9.68
C ALA B 128 -14.81 6.22 -8.52
N ILE B 129 -15.43 5.08 -8.23
CA ILE B 129 -14.98 4.22 -7.15
C ILE B 129 -14.73 2.80 -7.65
N CYS B 130 -13.65 2.20 -7.17
CA CYS B 130 -13.34 0.82 -7.52
C CYS B 130 -13.03 0.04 -6.25
N THR B 131 -13.86 -0.96 -5.98
CA THR B 131 -13.70 -1.77 -4.79
C THR B 131 -13.42 -3.22 -5.18
N LEU B 132 -12.63 -3.92 -4.39
CA LEU B 132 -12.32 -5.32 -4.68
C LEU B 132 -13.52 -6.18 -4.34
N LEU B 133 -14.19 -5.82 -3.25
CA LEU B 133 -15.36 -6.57 -2.80
C LEU B 133 -16.56 -5.65 -2.66
N ASP B 134 -17.75 -6.25 -2.80
CA ASP B 134 -18.99 -5.50 -2.66
C ASP B 134 -20.00 -6.36 -1.89
N LYS B 135 -20.59 -5.78 -0.86
CA LYS B 135 -21.60 -6.46 -0.07
C LYS B 135 -22.87 -5.66 -0.24
N PRO B 136 -23.57 -5.87 -1.37
CA PRO B 136 -24.82 -5.19 -1.72
C PRO B 136 -25.81 -5.17 -0.58
N SER B 137 -26.04 -6.33 0.01
CA SER B 137 -27.00 -6.45 1.09
C SER B 137 -26.80 -5.50 2.26
N ARG B 138 -25.56 -5.15 2.57
CA ARG B 138 -25.30 -4.25 3.70
C ARG B 138 -25.38 -2.76 3.42
N ARG B 139 -25.61 -2.41 2.16
CA ARG B 139 -25.68 -1.01 1.77
C ARG B 139 -26.68 -0.22 2.64
N GLU B 140 -26.28 0.97 3.05
CA GLU B 140 -27.12 1.84 3.87
C GLU B 140 -27.26 3.19 3.20
N VAL B 141 -26.27 3.53 2.38
CA VAL B 141 -26.28 4.80 1.68
C VAL B 141 -25.94 4.51 0.24
N ASN B 142 -26.87 4.77 -0.66
CA ASN B 142 -26.60 4.53 -2.06
C ASN B 142 -25.51 5.47 -2.60
N VAL B 143 -24.46 4.90 -3.17
CA VAL B 143 -23.36 5.65 -3.75
C VAL B 143 -22.90 4.87 -4.98
N PRO B 144 -22.56 5.58 -6.06
CA PRO B 144 -22.11 4.92 -7.29
C PRO B 144 -20.81 4.15 -7.07
N VAL B 145 -20.70 2.99 -7.70
CA VAL B 145 -19.49 2.18 -7.61
C VAL B 145 -19.26 1.58 -8.98
N GLU B 146 -18.47 2.30 -9.78
CA GLU B 146 -18.16 1.92 -11.15
C GLU B 146 -17.44 0.58 -11.39
N PHE B 147 -16.50 0.21 -10.52
CA PHE B 147 -15.78 -1.05 -10.71
C PHE B 147 -15.73 -1.90 -9.44
N ILE B 148 -16.16 -3.15 -9.58
CA ILE B 148 -16.20 -4.09 -8.46
C ILE B 148 -15.51 -5.40 -8.86
N GLY B 149 -14.70 -5.95 -7.97
CA GLY B 149 -14.03 -7.18 -8.29
C GLY B 149 -14.92 -8.38 -8.05
N PHE B 150 -15.57 -8.40 -6.88
CA PHE B 150 -16.44 -9.50 -6.49
C PHE B 150 -17.66 -9.03 -5.70
N SER B 151 -18.80 -9.70 -5.91
CA SER B 151 -20.02 -9.43 -5.20
C SER B 151 -20.20 -10.63 -4.29
N ILE B 152 -20.30 -10.38 -2.99
CA ILE B 152 -20.41 -11.48 -2.05
C ILE B 152 -21.53 -11.29 -1.04
N PRO B 153 -21.99 -12.38 -0.43
CA PRO B 153 -23.05 -12.23 0.56
C PRO B 153 -22.37 -11.64 1.80
N ASP B 154 -23.11 -11.36 2.85
CA ASP B 154 -22.50 -10.80 4.04
C ASP B 154 -21.70 -11.84 4.82
N GLU B 155 -20.60 -12.28 4.24
CA GLU B 155 -19.72 -13.28 4.87
C GLU B 155 -18.64 -12.61 5.72
N PHE B 156 -18.19 -13.33 6.74
CA PHE B 156 -17.13 -12.85 7.64
C PHE B 156 -15.81 -13.11 6.90
N VAL B 157 -15.39 -12.14 6.10
CA VAL B 157 -14.17 -12.26 5.30
C VAL B 157 -12.95 -11.53 5.87
N VAL B 158 -11.77 -11.99 5.47
CA VAL B 158 -10.51 -11.37 5.90
C VAL B 158 -9.46 -11.59 4.82
N GLY B 159 -8.33 -10.89 4.98
CA GLY B 159 -7.25 -11.01 4.03
C GLY B 159 -7.23 -9.87 3.05
N TYR B 160 -6.18 -9.81 2.26
CA TYR B 160 -6.04 -8.78 1.24
C TYR B 160 -6.39 -7.38 1.75
N GLY B 161 -5.89 -7.03 2.93
CA GLY B 161 -6.16 -5.72 3.49
C GLY B 161 -7.22 -5.70 4.56
N ILE B 162 -8.11 -6.68 4.53
CA ILE B 162 -9.18 -6.77 5.51
C ILE B 162 -8.66 -7.56 6.69
N ASP B 163 -8.82 -7.01 7.89
CA ASP B 163 -8.33 -7.64 9.11
C ASP B 163 -9.44 -8.16 10.01
N TYR B 164 -9.00 -8.83 11.08
CA TYR B 164 -9.86 -9.36 12.13
C TYR B 164 -8.96 -9.42 13.35
N ALA B 165 -9.14 -8.46 14.26
CA ALA B 165 -8.33 -8.40 15.47
C ALA B 165 -6.87 -8.16 15.08
N GLN B 166 -6.66 -7.17 14.21
CA GLN B 166 -5.33 -6.83 13.72
C GLN B 166 -4.61 -8.11 13.24
N ARG B 167 -5.29 -8.86 12.37
CA ARG B 167 -4.75 -10.11 11.82
C ARG B 167 -5.27 -10.41 10.43
N TYR B 168 -4.56 -11.27 9.72
CA TYR B 168 -4.92 -11.72 8.37
C TYR B 168 -4.86 -10.64 7.30
N ARG B 169 -4.48 -9.43 7.69
CA ARG B 169 -4.40 -8.31 6.76
C ARG B 169 -3.41 -8.57 5.60
N HIS B 170 -2.41 -9.42 5.86
CA HIS B 170 -1.38 -9.75 4.89
C HIS B 170 -1.63 -11.00 4.04
N LEU B 171 -2.77 -11.67 4.26
CA LEU B 171 -3.11 -12.86 3.49
C LEU B 171 -3.23 -12.52 2.01
N PRO B 172 -2.67 -13.36 1.12
CA PRO B 172 -2.76 -13.09 -0.32
C PRO B 172 -4.10 -13.47 -0.94
N TYR B 173 -5.01 -13.98 -0.14
CA TYR B 173 -6.32 -14.40 -0.63
C TYR B 173 -7.43 -13.93 0.32
N ILE B 174 -8.66 -13.94 -0.15
CA ILE B 174 -9.79 -13.54 0.69
C ILE B 174 -10.28 -14.82 1.35
N GLY B 175 -10.27 -14.86 2.68
CA GLY B 175 -10.74 -16.04 3.36
C GLY B 175 -11.95 -15.75 4.21
N LYS B 176 -12.62 -16.79 4.68
CA LYS B 176 -13.77 -16.59 5.55
C LYS B 176 -13.42 -17.10 6.92
N VAL B 177 -13.71 -16.30 7.93
CA VAL B 177 -13.43 -16.65 9.31
C VAL B 177 -14.47 -17.62 9.85
N ILE B 178 -14.06 -18.87 10.05
CA ILE B 178 -14.94 -19.89 10.60
C ILE B 178 -14.85 -19.70 12.11
N LEU B 179 -15.97 -19.34 12.73
CA LEU B 179 -15.98 -19.10 14.18
C LEU B 179 -16.20 -20.37 15.00
N LEU B 180 -15.12 -21.10 15.27
CA LEU B 180 -15.20 -22.34 16.05
C LEU B 180 -15.86 -22.07 17.41
N ASP B 181 -16.58 -23.05 17.93
CA ASP B 181 -17.28 -22.92 19.20
C ASP B 181 -16.49 -23.51 20.36
P IMP C . 16.56 8.39 3.85
O1P IMP C . 17.73 7.74 3.25
O2P IMP C . 15.84 7.50 4.76
O3P IMP C . 16.91 9.69 4.43
O5' IMP C . 15.65 8.85 2.64
C5' IMP C . 14.72 8.03 1.91
C4' IMP C . 13.68 8.88 1.23
O4' IMP C . 14.24 9.77 0.23
C3' IMP C . 12.73 8.01 0.48
O3' IMP C . 11.60 7.72 1.32
C2' IMP C . 12.31 8.83 -0.67
O2' IMP C . 11.10 9.52 -0.41
C1' IMP C . 13.45 9.81 -0.99
N9 IMP C . 14.26 9.34 -2.22
C8 IMP C . 15.47 8.62 -2.21
N7 IMP C . 15.95 8.33 -3.41
C5 IMP C . 15.03 8.87 -4.32
C6 IMP C . 15.03 8.86 -5.77
O6 IMP C . 15.87 8.35 -6.51
N1 IMP C . 13.92 9.52 -6.33
C2 IMP C . 12.88 10.13 -5.59
N3 IMP C . 12.88 10.14 -4.21
C4 IMP C . 13.97 9.50 -3.61
OP3 N D . -18.84 0.82 3.01
P N D . -18.01 1.91 3.53
OP1 N D . -17.42 2.71 2.43
OP2 N D . -18.66 2.76 4.54
O5' N D . -16.84 1.09 4.17
C5' N D . -15.44 1.18 3.88
C4' N D . -14.67 0.89 5.11
O4' N D . -14.92 -0.43 5.62
C3' N D . -13.20 0.99 4.82
O3' N D . -12.66 2.10 5.57
C2' N D . -12.60 -0.32 5.25
O2' N D . -11.63 -0.14 6.27
C1' N D . -13.74 -1.23 5.74
#